data_2IW0
#
_entry.id   2IW0
#
_cell.length_a   71.275
_cell.length_b   55.022
_cell.length_c   60.057
_cell.angle_alpha   90.00
_cell.angle_beta   90.00
_cell.angle_gamma   90.00
#
_symmetry.space_group_name_H-M   'P 21 21 2'
#
loop_
_entity.id
_entity.type
_entity.pdbx_description
1 polymer 'CHITIN DEACETYLASE'
2 non-polymer 'ZINC ION'
3 non-polymer 'ACETATE ION'
4 non-polymer 'CHLORIDE ION'
5 non-polymer 'PHOSPHATE ION'
6 water water
#
_entity_poly.entity_id   1
_entity_poly.type   'polypeptide(L)'
_entity_poly.pdbx_seq_one_letter_code
;MHFSTLFGAAATAALAGSTNASPLARRQVPVGTPILQCTQPGLVALTYDDGPFTFTPQLLDILKQNDVRATFFVNGNNWA
NIEAGSNPDTIRRMRADGHLVGSHTYAHPDLNTLSSADRISQMRQLEEATRRIDGFAPKYMRAPYLSCDAGCQGDLGGLG
YHIIDTNLDTKDYENNKPETTHLSAEKFNNELSADVGANSYIVLSHDVHEQTVVSLTQKLIDTLKSKGYRAVTVGECLGD
APENWYKAHHHHHH
;
_entity_poly.pdbx_strand_id   A
#
loop_
_chem_comp.id
_chem_comp.type
_chem_comp.name
_chem_comp.formula
ACT non-polymer 'ACETATE ION' 'C2 H3 O2 -1'
CL non-polymer 'CHLORIDE ION' 'Cl -1'
PO4 non-polymer 'PHOSPHATE ION' 'O4 P -3'
ZN non-polymer 'ZINC ION' 'Zn 2'
#
# COMPACT_ATOMS: atom_id res chain seq x y z
N VAL A 29 -2.75 -12.90 -11.09
CA VAL A 29 -2.89 -11.41 -10.89
C VAL A 29 -2.13 -10.73 -11.99
N PRO A 30 -2.77 -9.75 -12.68
CA PRO A 30 -2.10 -9.07 -13.80
C PRO A 30 -0.75 -8.47 -13.40
N VAL A 31 0.19 -8.50 -14.34
CA VAL A 31 1.55 -7.96 -14.12
C VAL A 31 1.72 -6.79 -15.11
N GLY A 32 2.27 -5.67 -14.64
CA GLY A 32 2.66 -4.58 -15.56
C GLY A 32 1.47 -3.78 -16.05
N THR A 33 0.36 -3.85 -15.34
CA THR A 33 -0.85 -3.14 -15.78
C THR A 33 -1.61 -2.65 -14.54
N PRO A 34 -1.99 -1.35 -14.50
CA PRO A 34 -2.56 -0.81 -13.25
C PRO A 34 -3.88 -1.42 -12.83
N ILE A 35 -3.99 -1.75 -11.54
CA ILE A 35 -5.17 -2.44 -11.00
C ILE A 35 -5.92 -1.49 -10.06
N LEU A 36 -7.23 -1.40 -10.22
CA LEU A 36 -8.04 -0.37 -9.57
C LEU A 36 -9.06 -0.89 -8.54
N GLN A 37 -9.46 -2.16 -8.64
CA GLN A 37 -10.52 -2.68 -7.78
C GLN A 37 -10.28 -4.17 -7.48
N CYS A 38 -11.14 -4.79 -6.69
CA CYS A 38 -10.96 -6.19 -6.32
C CYS A 38 -11.54 -7.15 -7.35
N THR A 39 -11.28 -8.45 -7.19
CA THR A 39 -11.82 -9.42 -8.14
C THR A 39 -13.14 -9.91 -7.62
N GLN A 40 -13.54 -9.45 -6.44
CA GLN A 40 -14.89 -9.77 -5.91
C GLN A 40 -15.49 -8.52 -5.30
N PRO A 41 -16.83 -8.41 -5.33
CA PRO A 41 -17.41 -7.26 -4.67
C PRO A 41 -17.52 -7.44 -3.14
N GLY A 42 -17.90 -6.37 -2.42
CA GLY A 42 -18.05 -6.45 -0.95
C GLY A 42 -16.73 -6.45 -0.18
N LEU A 43 -15.67 -6.02 -0.87
CA LEU A 43 -14.32 -5.98 -0.29
C LEU A 43 -13.72 -4.55 -0.31
N VAL A 44 -12.99 -4.19 0.74
CA VAL A 44 -12.26 -2.90 0.78
C VAL A 44 -10.79 -3.24 1.12
N ALA A 45 -9.85 -2.73 0.36
CA ALA A 45 -8.47 -2.95 0.71
C ALA A 45 -7.94 -1.60 1.15
N LEU A 46 -7.75 -1.44 2.47
CA LEU A 46 -7.23 -0.18 3.01
C LEU A 46 -5.73 -0.17 2.75
N THR A 47 -5.25 0.86 2.08
CA THR A 47 -3.80 0.90 1.77
C THR A 47 -3.13 2.18 2.25
N TYR A 48 -1.82 2.09 2.53
CA TYR A 48 -1.11 3.18 3.16
C TYR A 48 0.21 3.35 2.48
N ASP A 49 0.44 4.55 1.99
CA ASP A 49 1.72 4.87 1.28
C ASP A 49 2.68 5.78 2.04
N ASP A 50 3.96 5.71 1.66
CA ASP A 50 5.05 6.69 2.00
C ASP A 50 5.81 6.39 3.31
N GLY A 51 5.38 5.36 4.04
CA GLY A 51 6.10 4.90 5.25
C GLY A 51 7.24 3.88 4.98
N PRO A 52 7.74 3.25 6.06
CA PRO A 52 7.19 3.46 7.43
C PRO A 52 7.72 4.75 8.07
N PHE A 53 6.94 5.30 8.99
CA PHE A 53 7.33 6.53 9.67
C PHE A 53 6.75 6.55 11.10
N THR A 54 6.76 7.74 11.71
CA THR A 54 6.55 7.87 13.17
C THR A 54 5.29 7.24 13.69
N PHE A 55 4.27 7.33 12.88
CA PHE A 55 2.87 6.94 13.30
C PHE A 55 2.52 5.47 12.90
N THR A 56 3.43 4.81 12.21
CA THR A 56 3.17 3.47 11.71
C THR A 56 3.04 2.38 12.83
N PRO A 57 3.89 2.44 13.88
CA PRO A 57 3.67 1.57 15.03
C PRO A 57 2.31 1.71 15.62
N GLN A 58 1.83 2.95 15.82
CA GLN A 58 0.50 3.07 16.36
C GLN A 58 -0.54 2.48 15.36
N LEU A 59 -0.37 2.77 14.06
CA LEU A 59 -1.34 2.23 13.07
C LEU A 59 -1.42 0.69 13.15
N LEU A 60 -0.28 0.00 13.23
CA LEU A 60 -0.27 -1.46 13.42
C LEU A 60 -1.04 -1.89 14.66
N ASP A 61 -0.86 -1.14 15.74
CA ASP A 61 -1.62 -1.43 16.99
C ASP A 61 -3.10 -1.25 16.76
N ILE A 62 -3.52 -0.14 16.13
CA ILE A 62 -4.95 0.08 15.83
C ILE A 62 -5.57 -1.04 14.92
N LEU A 63 -4.85 -1.43 13.88
CA LEU A 63 -5.36 -2.47 12.99
C LEU A 63 -5.46 -3.82 13.72
N LYS A 64 -4.47 -4.12 14.56
CA LYS A 64 -4.53 -5.32 15.40
C LYS A 64 -5.74 -5.32 16.33
N GLN A 65 -5.96 -4.21 17.04
CA GLN A 65 -7.09 -4.12 17.94
C GLN A 65 -8.38 -4.32 17.17
N ASN A 66 -8.37 -3.97 15.88
CA ASN A 66 -9.57 -4.11 15.03
C ASN A 66 -9.64 -5.44 14.31
N ASP A 67 -8.58 -6.23 14.43
CA ASP A 67 -8.46 -7.49 13.74
C ASP A 67 -8.51 -7.24 12.22
N VAL A 68 -7.89 -6.17 11.76
CA VAL A 68 -7.99 -5.80 10.34
C VAL A 68 -6.62 -5.94 9.72
N ARG A 69 -6.53 -6.60 8.55
CA ARG A 69 -5.25 -6.52 7.80
C ARG A 69 -5.34 -5.44 6.72
N ALA A 70 -4.19 -4.85 6.39
CA ALA A 70 -4.16 -3.79 5.41
C ALA A 70 -2.94 -4.01 4.51
N THR A 71 -2.56 -2.99 3.73
CA THR A 71 -1.47 -3.11 2.76
C THR A 71 -0.62 -1.84 2.86
N PHE A 72 0.72 -2.00 2.86
CA PHE A 72 1.62 -0.88 2.99
C PHE A 72 2.53 -0.82 1.78
N PHE A 73 2.49 0.32 1.11
CA PHE A 73 3.46 0.62 0.04
C PHE A 73 4.56 1.50 0.57
N VAL A 74 5.72 0.87 0.76
CA VAL A 74 6.75 1.46 1.57
C VAL A 74 7.86 2.02 0.70
N ASN A 75 8.49 3.08 1.20
CA ASN A 75 9.71 3.60 0.56
C ASN A 75 10.99 3.14 1.27
N GLY A 76 12.13 3.30 0.64
CA GLY A 76 13.42 2.96 1.24
C GLY A 76 14.00 4.20 1.94
N ASN A 77 13.86 5.37 1.31
CA ASN A 77 14.36 6.60 1.95
C ASN A 77 13.50 7.76 1.47
N ASN A 78 12.52 8.16 2.29
CA ASN A 78 11.58 9.22 1.83
C ASN A 78 11.36 10.13 3.04
N TRP A 79 10.34 9.84 3.85
CA TRP A 79 10.18 10.59 5.16
C TRP A 79 11.20 10.11 6.21
N ALA A 80 11.53 8.82 6.14
CA ALA A 80 12.68 8.29 6.88
C ALA A 80 13.34 7.15 6.09
N ASN A 81 14.46 6.63 6.57
CA ASN A 81 15.09 5.47 5.97
C ASN A 81 14.46 4.17 6.57
N ILE A 82 14.04 3.26 5.69
CA ILE A 82 13.35 2.03 6.09
C ILE A 82 14.29 1.16 6.94
N GLU A 83 15.60 1.39 6.86
CA GLU A 83 16.54 0.64 7.64
C GLU A 83 17.07 1.38 8.88
N ALA A 84 16.50 2.54 9.18
CA ALA A 84 16.92 3.33 10.34
C ALA A 84 16.02 3.10 11.54
N GLY A 85 16.59 3.24 12.74
CA GLY A 85 15.76 3.26 13.92
C GLY A 85 14.99 2.00 14.05
N SER A 86 13.70 2.12 14.46
CA SER A 86 12.86 0.97 14.63
C SER A 86 12.22 0.54 13.33
N ASN A 87 12.47 1.24 12.22
CA ASN A 87 11.73 0.88 10.97
C ASN A 87 11.87 -0.61 10.55
N PRO A 88 13.09 -1.18 10.62
CA PRO A 88 13.16 -2.65 10.32
C PRO A 88 12.20 -3.48 11.19
N ASP A 89 12.07 -3.16 12.48
CA ASP A 89 11.14 -3.87 13.37
C ASP A 89 9.65 -3.66 12.98
N THR A 90 9.32 -2.44 12.54
CA THR A 90 7.95 -2.14 12.08
C THR A 90 7.63 -2.93 10.80
N ILE A 91 8.60 -3.00 9.87
CA ILE A 91 8.41 -3.82 8.67
C ILE A 91 8.22 -5.33 9.01
N ARG A 92 8.97 -5.83 9.97
CA ARG A 92 8.85 -7.19 10.41
C ARG A 92 7.50 -7.41 11.07
N ARG A 93 7.00 -6.42 11.80
CA ARG A 93 5.66 -6.56 12.41
C ARG A 93 4.56 -6.57 11.36
N MET A 94 4.68 -5.72 10.35
CA MET A 94 3.75 -5.76 9.19
C MET A 94 3.56 -7.18 8.69
N ARG A 95 4.66 -7.86 8.41
CA ARG A 95 4.55 -9.24 7.90
C ARG A 95 4.01 -10.21 8.95
N ALA A 96 4.48 -10.05 10.20
CA ALA A 96 4.06 -10.94 11.30
C ALA A 96 2.55 -10.83 11.46
N ASP A 97 2.02 -9.63 11.33
CA ASP A 97 0.59 -9.41 11.51
C ASP A 97 -0.27 -9.72 10.28
N GLY A 98 0.37 -10.13 9.18
CA GLY A 98 -0.35 -10.55 7.98
C GLY A 98 -0.71 -9.44 7.00
N HIS A 99 -0.05 -8.27 7.12
CA HIS A 99 -0.36 -7.16 6.22
C HIS A 99 0.51 -7.38 4.99
N LEU A 100 0.03 -6.95 3.84
CA LEU A 100 0.80 -7.08 2.63
C LEU A 100 1.78 -5.92 2.55
N VAL A 101 3.06 -6.26 2.35
CA VAL A 101 4.05 -5.21 2.14
C VAL A 101 4.38 -5.05 0.63
N GLY A 102 4.06 -3.89 0.06
CA GLY A 102 4.39 -3.64 -1.37
C GLY A 102 5.48 -2.56 -1.51
N SER A 103 6.11 -2.50 -2.70
CA SER A 103 7.12 -1.44 -2.94
C SER A 103 6.48 -0.09 -3.34
N HIS A 104 7.05 1.03 -2.91
CA HIS A 104 6.57 2.30 -3.44
C HIS A 104 7.76 3.04 -4.10
N THR A 105 8.77 2.24 -4.48
CA THR A 105 10.11 2.68 -4.99
C THR A 105 11.02 3.05 -3.84
N TYR A 106 12.33 3.16 -4.08
CA TYR A 106 13.23 3.44 -2.97
C TYR A 106 13.10 4.91 -2.52
N ALA A 107 13.29 5.85 -3.47
CA ALA A 107 13.33 7.31 -3.16
C ALA A 107 12.12 8.14 -3.59
N HIS A 108 11.04 7.53 -4.04
CA HIS A 108 9.81 8.24 -4.39
C HIS A 108 9.98 9.22 -5.58
N PRO A 109 10.72 8.86 -6.63
CA PRO A 109 10.69 9.75 -7.82
C PRO A 109 9.44 9.46 -8.65
N ASP A 110 9.02 10.40 -9.49
CA ASP A 110 8.04 10.10 -10.56
C ASP A 110 8.70 9.16 -11.60
N LEU A 111 8.27 7.89 -11.60
CA LEU A 111 8.88 6.85 -12.44
C LEU A 111 8.84 7.20 -13.95
N ASN A 112 7.81 7.90 -14.40
CA ASN A 112 7.77 8.38 -15.85
C ASN A 112 9.03 9.11 -16.27
N THR A 113 9.52 9.96 -15.37
CA THR A 113 10.63 10.82 -15.68
C THR A 113 11.95 10.09 -15.71
N LEU A 114 12.00 8.78 -15.39
CA LEU A 114 13.30 8.08 -15.37
C LEU A 114 13.49 7.19 -16.58
N SER A 115 14.75 6.91 -16.91
CA SER A 115 15.14 5.94 -17.92
C SER A 115 14.83 4.57 -17.35
N SER A 116 14.67 3.58 -18.23
CA SER A 116 14.41 2.25 -17.75
C SER A 116 15.42 1.75 -16.73
N ALA A 117 16.73 1.93 -16.96
CA ALA A 117 17.77 1.52 -16.00
C ALA A 117 17.55 2.14 -14.59
N ASP A 118 17.25 3.42 -14.55
CA ASP A 118 16.89 4.13 -13.30
C ASP A 118 15.59 3.66 -12.63
N ARG A 119 14.56 3.33 -13.41
CA ARG A 119 13.35 2.72 -12.81
C ARG A 119 13.71 1.36 -12.24
N ILE A 120 14.46 0.54 -12.97
CA ILE A 120 14.85 -0.77 -12.45
C ILE A 120 15.63 -0.61 -11.13
N SER A 121 16.51 0.35 -11.07
CA SER A 121 17.28 0.63 -9.89
C SER A 121 16.40 1.07 -8.71
N GLN A 122 15.43 1.94 -8.98
CA GLN A 122 14.49 2.33 -7.91
C GLN A 122 13.76 1.16 -7.29
N MET A 123 13.35 0.19 -8.12
CA MET A 123 12.69 -1.02 -7.58
C MET A 123 13.67 -1.92 -6.84
N ARG A 124 14.81 -2.22 -7.46
CA ARG A 124 15.80 -3.16 -6.87
C ARG A 124 16.39 -2.67 -5.58
N GLN A 125 16.62 -1.37 -5.46
CA GLN A 125 17.14 -0.84 -4.22
C GLN A 125 16.23 -1.09 -3.06
N LEU A 126 14.93 -0.91 -3.29
CA LEU A 126 13.96 -1.19 -2.23
C LEU A 126 13.95 -2.69 -1.89
N GLU A 127 13.87 -3.55 -2.92
CA GLU A 127 13.96 -5.02 -2.73
C GLU A 127 15.22 -5.43 -1.95
N GLU A 128 16.35 -4.78 -2.19
CA GLU A 128 17.56 -5.15 -1.46
C GLU A 128 17.38 -4.79 0.02
N ALA A 129 16.74 -3.64 0.29
CA ALA A 129 16.52 -3.25 1.69
C ALA A 129 15.58 -4.21 2.36
N THR A 130 14.45 -4.54 1.72
CA THR A 130 13.47 -5.45 2.38
C THR A 130 14.05 -6.85 2.54
N ARG A 131 14.99 -7.21 1.66
CA ARG A 131 15.65 -8.51 1.81
C ARG A 131 16.56 -8.47 3.02
N ARG A 132 17.40 -7.41 3.16
CA ARG A 132 18.17 -7.24 4.39
C ARG A 132 17.32 -7.25 5.66
N ILE A 133 16.15 -6.67 5.61
CA ILE A 133 15.28 -6.55 6.80
C ILE A 133 14.66 -7.89 7.19
N ASP A 134 14.06 -8.59 6.21
CA ASP A 134 13.19 -9.71 6.54
C ASP A 134 13.17 -10.76 5.43
N GLY A 135 14.22 -10.78 4.59
CA GLY A 135 14.46 -11.82 3.57
C GLY A 135 13.35 -11.94 2.53
N PHE A 136 12.73 -10.82 2.17
CA PHE A 136 11.70 -10.82 1.11
C PHE A 136 11.87 -9.64 0.17
N ALA A 137 11.28 -9.79 -1.01
CA ALA A 137 11.12 -8.71 -1.97
C ALA A 137 9.68 -8.71 -2.45
N PRO A 138 9.06 -7.51 -2.53
CA PRO A 138 7.65 -7.40 -2.94
C PRO A 138 7.48 -7.78 -4.43
N LYS A 139 6.34 -8.40 -4.71
CA LYS A 139 5.84 -8.49 -6.07
C LYS A 139 4.81 -7.43 -6.39
N TYR A 140 4.32 -6.76 -5.36
CA TYR A 140 3.32 -5.70 -5.46
C TYR A 140 3.97 -4.38 -5.36
N MET A 141 3.50 -3.42 -6.18
CA MET A 141 3.96 -2.03 -5.97
C MET A 141 2.87 -0.99 -6.25
N ARG A 142 3.13 0.25 -5.84
CA ARG A 142 2.33 1.42 -6.29
C ARG A 142 3.27 2.52 -6.71
N ALA A 143 2.94 3.16 -7.81
CA ALA A 143 3.80 4.18 -8.45
C ALA A 143 3.66 5.46 -7.60
N PRO A 144 4.80 6.12 -7.24
CA PRO A 144 4.65 7.49 -6.65
C PRO A 144 3.71 8.37 -7.52
N TYR A 145 2.77 9.07 -6.89
CA TYR A 145 1.89 10.03 -7.58
C TYR A 145 0.97 9.35 -8.59
N LEU A 146 0.88 8.02 -8.49
CA LEU A 146 0.06 7.18 -9.40
C LEU A 146 0.47 7.47 -10.81
N SER A 147 1.74 7.81 -10.98
CA SER A 147 2.27 8.21 -12.25
C SER A 147 3.12 7.10 -12.91
N CYS A 148 2.53 6.36 -13.86
CA CYS A 148 3.26 5.24 -14.46
C CYS A 148 2.56 4.87 -15.78
N ASP A 149 3.07 5.38 -16.88
CA ASP A 149 2.37 5.26 -18.13
C ASP A 149 2.90 4.04 -18.86
N ALA A 150 2.60 3.91 -20.15
CA ALA A 150 2.85 2.66 -20.83
C ALA A 150 4.35 2.35 -20.83
N GLY A 151 5.19 3.38 -20.88
CA GLY A 151 6.67 3.19 -20.84
C GLY A 151 7.07 2.60 -19.50
N CYS A 152 6.61 3.24 -18.42
CA CYS A 152 6.87 2.77 -17.08
C CYS A 152 6.34 1.35 -16.86
N GLN A 153 5.09 1.11 -17.30
CA GLN A 153 4.37 -0.18 -17.12
C GLN A 153 5.09 -1.38 -17.76
N GLY A 154 5.70 -1.14 -18.91
CA GLY A 154 6.48 -2.14 -19.64
C GLY A 154 7.63 -2.63 -18.79
N ASP A 155 8.36 -1.68 -18.22
CA ASP A 155 9.51 -2.01 -17.39
C ASP A 155 9.08 -2.75 -16.14
N LEU A 156 8.01 -2.27 -15.52
CA LEU A 156 7.55 -2.87 -14.25
C LEU A 156 7.09 -4.28 -14.53
N GLY A 157 6.39 -4.46 -15.66
CA GLY A 157 5.99 -5.78 -16.12
C GLY A 157 7.15 -6.72 -16.38
N GLY A 158 8.25 -6.20 -16.93
CA GLY A 158 9.42 -7.02 -17.21
C GLY A 158 10.03 -7.45 -15.88
N LEU A 159 9.83 -6.65 -14.84
CA LEU A 159 10.22 -6.99 -13.43
C LEU A 159 9.22 -7.85 -12.65
N GLY A 160 8.11 -8.16 -13.29
CA GLY A 160 7.11 -9.08 -12.76
C GLY A 160 6.30 -8.40 -11.66
N TYR A 161 6.22 -7.07 -11.65
CA TYR A 161 5.38 -6.38 -10.66
C TYR A 161 3.92 -6.29 -10.94
N HIS A 162 3.11 -6.40 -9.90
CA HIS A 162 1.68 -6.00 -9.97
C HIS A 162 1.56 -4.53 -9.58
N ILE A 163 1.01 -3.73 -10.50
CA ILE A 163 0.85 -2.29 -10.30
C ILE A 163 -0.52 -1.94 -9.65
N ILE A 164 -0.51 -1.38 -8.43
CA ILE A 164 -1.77 -1.16 -7.68
C ILE A 164 -2.07 0.34 -7.66
N ASP A 165 -3.21 0.72 -8.23
CA ASP A 165 -3.66 2.10 -8.28
C ASP A 165 -4.71 2.24 -7.18
N THR A 166 -5.76 3.00 -7.41
CA THR A 166 -6.80 3.22 -6.39
C THR A 166 -8.04 3.62 -7.11
N ASN A 167 -9.19 3.23 -6.55
CA ASN A 167 -10.44 3.74 -7.03
C ASN A 167 -11.16 4.50 -5.88
N LEU A 168 -10.42 4.91 -4.85
CA LEU A 168 -10.99 5.76 -3.80
C LEU A 168 -9.86 6.41 -3.04
N ASP A 169 -9.60 7.67 -3.36
CA ASP A 169 -8.55 8.42 -2.75
C ASP A 169 -9.09 9.21 -1.57
N THR A 170 -8.54 8.98 -0.37
CA THR A 170 -9.09 9.71 0.80
C THR A 170 -8.70 11.21 0.85
N LYS A 171 -7.69 11.59 0.07
CA LYS A 171 -7.08 12.90 0.19
C LYS A 171 -6.65 13.20 1.62
N ASP A 172 -6.31 12.16 2.37
CA ASP A 172 -5.84 12.37 3.74
C ASP A 172 -4.60 13.31 3.81
N TYR A 173 -3.73 13.32 2.80
CA TYR A 173 -2.58 14.22 2.86
C TYR A 173 -2.96 15.70 2.80
N GLU A 174 -4.16 15.99 2.27
CA GLU A 174 -4.67 17.38 2.25
C GLU A 174 -5.48 17.66 3.48
N ASN A 175 -6.17 16.66 4.00
CA ASN A 175 -7.00 16.88 5.16
C ASN A 175 -6.35 16.32 6.42
N ASN A 176 -5.21 16.91 6.74
CA ASN A 176 -4.31 16.29 7.71
C ASN A 176 -4.19 17.06 9.05
N LYS A 177 -5.21 17.85 9.41
CA LYS A 177 -5.16 18.62 10.66
C LYS A 177 -6.26 18.03 11.52
N PRO A 178 -6.17 18.17 12.86
CA PRO A 178 -7.27 17.70 13.72
C PRO A 178 -8.67 18.18 13.28
N GLU A 179 -8.78 19.40 12.79
CA GLU A 179 -10.11 19.95 12.51
C GLU A 179 -10.57 19.71 11.09
N THR A 180 -9.76 19.02 10.29
CA THR A 180 -10.06 18.81 8.88
C THR A 180 -10.11 17.36 8.45
N THR A 181 -9.57 16.46 9.27
CA THR A 181 -9.54 15.04 8.91
C THR A 181 -10.97 14.52 8.69
N HIS A 182 -11.97 15.04 9.38
CA HIS A 182 -13.35 14.65 9.02
C HIS A 182 -13.72 14.79 7.54
N LEU A 183 -13.10 15.73 6.82
CA LEU A 183 -13.37 15.85 5.38
C LEU A 183 -12.95 14.58 4.62
N SER A 184 -11.88 13.94 5.09
CA SER A 184 -11.38 12.71 4.50
C SER A 184 -12.26 11.51 4.88
N ALA A 185 -12.73 11.49 6.13
CA ALA A 185 -13.65 10.46 6.57
C ALA A 185 -15.00 10.59 5.85
N GLU A 186 -15.42 11.83 5.57
CA GLU A 186 -16.66 12.05 4.85
C GLU A 186 -16.54 11.67 3.38
N LYS A 187 -15.41 12.03 2.78
CA LYS A 187 -15.13 11.68 1.42
C LYS A 187 -15.24 10.15 1.27
N PHE A 188 -14.67 9.40 2.23
CA PHE A 188 -14.71 7.95 2.20
C PHE A 188 -16.16 7.45 2.23
N ASN A 189 -16.94 7.94 3.20
CA ASN A 189 -18.34 7.57 3.32
C ASN A 189 -19.11 7.89 2.06
N ASN A 190 -18.89 9.07 1.49
CA ASN A 190 -19.59 9.50 0.26
C ASN A 190 -19.33 8.59 -0.93
N GLU A 191 -18.09 8.11 -1.03
CA GLU A 191 -17.64 7.35 -2.17
C GLU A 191 -17.86 5.86 -2.01
N LEU A 192 -18.05 5.42 -0.76
CA LEU A 192 -18.22 4.02 -0.51
C LEU A 192 -19.71 3.69 -0.73
N SER A 193 -20.04 3.14 -1.89
CA SER A 193 -21.42 2.86 -2.28
C SER A 193 -22.10 1.95 -1.24
N ALA A 194 -23.37 2.22 -0.95
CA ALA A 194 -24.16 1.37 -0.04
C ALA A 194 -24.48 0.05 -0.73
N ASP A 195 -24.16 0.00 -2.02
CA ASP A 195 -24.43 -1.16 -2.85
C ASP A 195 -23.23 -2.13 -2.79
N VAL A 196 -23.09 -2.71 -1.60
CA VAL A 196 -22.03 -3.64 -1.25
C VAL A 196 -21.86 -4.82 -2.24
N GLY A 197 -22.97 -5.34 -2.78
CA GLY A 197 -22.90 -6.46 -3.70
C GLY A 197 -22.33 -6.14 -5.08
N ALA A 198 -22.38 -4.72 -5.48
CA ALA A 198 -21.85 -4.49 -6.83
C ALA A 198 -20.50 -3.77 -6.84
N ASN A 199 -19.86 -3.57 -5.69
CA ASN A 199 -18.68 -2.70 -5.61
C ASN A 199 -17.56 -3.25 -4.73
N SER A 200 -16.33 -2.81 -5.01
CA SER A 200 -15.18 -3.10 -4.15
C SER A 200 -14.17 -2.01 -4.40
N TYR A 201 -13.32 -1.74 -3.38
CA TYR A 201 -12.38 -0.58 -3.43
C TYR A 201 -10.98 -0.89 -2.95
N ILE A 202 -9.99 -0.34 -3.66
CA ILE A 202 -8.64 -0.17 -3.19
C ILE A 202 -8.43 1.30 -2.78
N VAL A 203 -8.25 1.49 -1.47
CA VAL A 203 -8.33 2.80 -0.85
C VAL A 203 -6.95 3.41 -0.59
N LEU A 204 -6.78 4.65 -1.01
CA LEU A 204 -5.47 5.28 -0.90
C LEU A 204 -5.43 6.23 0.30
N SER A 205 -4.57 5.92 1.28
CA SER A 205 -4.24 6.81 2.42
C SER A 205 -2.73 6.77 2.57
N HIS A 206 -2.19 7.56 3.52
CA HIS A 206 -0.72 7.79 3.71
C HIS A 206 -0.47 7.77 5.21
N ASP A 207 0.13 6.72 5.73
CA ASP A 207 0.25 6.62 7.20
C ASP A 207 1.34 7.60 7.77
N VAL A 208 1.98 8.34 6.87
CA VAL A 208 2.98 9.33 7.32
C VAL A 208 2.34 10.60 7.91
N HIS A 209 1.01 10.71 7.75
CA HIS A 209 0.23 11.76 8.39
C HIS A 209 -0.40 11.29 9.69
N GLU A 210 -0.04 11.95 10.78
CA GLU A 210 -0.54 11.51 12.07
C GLU A 210 -2.06 11.33 12.09
N GLN A 211 -2.78 12.29 11.52
CA GLN A 211 -4.25 12.17 11.54
C GLN A 211 -4.78 10.95 10.81
N THR A 212 -4.06 10.48 9.79
CA THR A 212 -4.45 9.26 9.06
C THR A 212 -4.51 8.10 10.04
N VAL A 213 -3.50 8.09 10.92
CA VAL A 213 -3.40 7.06 11.94
C VAL A 213 -4.35 7.23 13.16
N VAL A 214 -4.32 8.38 13.84
CA VAL A 214 -5.02 8.51 15.12
C VAL A 214 -6.47 8.88 14.99
N SER A 215 -6.88 9.26 13.77
CA SER A 215 -8.30 9.51 13.61
C SER A 215 -8.94 8.80 12.43
N LEU A 216 -8.33 8.91 11.25
CA LEU A 216 -9.06 8.54 10.03
C LEU A 216 -9.28 7.02 9.94
N THR A 217 -8.24 6.26 10.29
CA THR A 217 -8.25 4.79 10.17
C THR A 217 -9.45 4.13 10.89
N GLN A 218 -9.66 4.45 12.15
CA GLN A 218 -10.84 3.90 12.85
C GLN A 218 -12.13 4.27 12.15
N LYS A 219 -12.18 5.47 11.59
CA LYS A 219 -13.45 5.85 10.92
C LYS A 219 -13.70 5.05 9.63
N LEU A 220 -12.62 4.80 8.89
CA LEU A 220 -12.66 3.98 7.68
C LEU A 220 -13.16 2.55 7.98
N ILE A 221 -12.63 1.95 9.04
CA ILE A 221 -13.03 0.60 9.50
C ILE A 221 -14.46 0.60 9.89
N ASP A 222 -14.82 1.52 10.77
CA ASP A 222 -16.21 1.65 11.19
C ASP A 222 -17.15 1.85 9.99
N THR A 223 -16.79 2.79 9.12
CA THR A 223 -17.69 3.05 8.00
C THR A 223 -17.81 1.85 7.08
N LEU A 224 -16.68 1.22 6.74
CA LEU A 224 -16.74 0.05 5.85
C LEU A 224 -17.59 -1.14 6.43
N LYS A 225 -17.41 -1.48 7.72
CA LYS A 225 -18.28 -2.49 8.35
C LYS A 225 -19.71 -2.04 8.45
N SER A 226 -19.93 -0.74 8.62
CA SER A 226 -21.35 -0.31 8.77
C SER A 226 -22.16 -0.60 7.50
N LYS A 227 -21.47 -0.64 6.36
CA LYS A 227 -22.08 -0.85 5.06
C LYS A 227 -21.97 -2.30 4.55
N GLY A 228 -21.30 -3.17 5.32
CA GLY A 228 -21.31 -4.61 5.01
C GLY A 228 -20.03 -5.03 4.28
N TYR A 229 -19.06 -4.13 4.15
CA TYR A 229 -17.84 -4.56 3.49
C TYR A 229 -16.96 -5.31 4.48
N ARG A 230 -16.01 -6.11 3.96
CA ARG A 230 -14.94 -6.70 4.75
C ARG A 230 -13.65 -6.05 4.29
N ALA A 231 -12.78 -5.74 5.26
CA ALA A 231 -11.45 -5.19 4.97
C ALA A 231 -10.48 -6.34 4.68
N VAL A 232 -9.63 -6.14 3.68
CA VAL A 232 -8.76 -7.21 3.21
C VAL A 232 -7.40 -6.64 2.74
N THR A 233 -6.36 -7.48 2.67
CA THR A 233 -5.12 -7.02 2.02
C THR A 233 -5.38 -6.95 0.51
N VAL A 234 -4.58 -6.20 -0.21
CA VAL A 234 -4.70 -6.20 -1.66
C VAL A 234 -4.55 -7.64 -2.23
N GLY A 235 -3.73 -8.47 -1.58
CA GLY A 235 -3.52 -9.86 -1.99
C GLY A 235 -4.84 -10.58 -2.01
N GLU A 236 -5.60 -10.50 -0.91
CA GLU A 236 -6.93 -11.17 -0.90
C GLU A 236 -7.94 -10.51 -1.86
N CYS A 237 -7.86 -9.18 -1.94
CA CYS A 237 -8.70 -8.37 -2.82
C CYS A 237 -8.61 -8.89 -4.28
N LEU A 238 -7.42 -9.34 -4.68
CA LEU A 238 -7.12 -9.86 -6.01
C LEU A 238 -7.06 -11.38 -6.11
N GLY A 239 -7.45 -12.09 -5.03
CA GLY A 239 -7.59 -13.56 -5.07
C GLY A 239 -6.22 -14.25 -5.05
N ASP A 240 -5.21 -13.57 -4.50
CA ASP A 240 -3.80 -14.02 -4.53
C ASP A 240 -3.35 -14.57 -3.17
N ALA A 241 -3.05 -15.87 -3.17
CA ALA A 241 -2.53 -16.58 -2.01
C ALA A 241 -1.29 -15.91 -1.42
N PRO A 242 -1.19 -15.84 -0.07
CA PRO A 242 -0.05 -15.09 0.51
C PRO A 242 1.29 -15.65 0.11
N GLU A 243 1.34 -16.93 -0.21
CA GLU A 243 2.57 -17.52 -0.75
C GLU A 243 3.01 -16.90 -2.08
N ASN A 244 2.13 -16.15 -2.75
CA ASN A 244 2.56 -15.50 -3.98
C ASN A 244 2.92 -14.05 -3.86
N TRP A 245 2.85 -13.49 -2.65
CA TRP A 245 3.00 -12.04 -2.52
C TRP A 245 4.43 -11.53 -2.68
N TYR A 246 5.40 -12.41 -2.44
CA TYR A 246 6.79 -12.02 -2.42
C TYR A 246 7.65 -12.94 -3.23
N LYS A 247 8.74 -12.39 -3.76
CA LYS A 247 9.90 -13.21 -4.06
C LYS A 247 10.61 -13.56 -2.71
N ALA A 248 10.46 -14.82 -2.32
CA ALA A 248 11.14 -15.32 -1.11
C ALA A 248 12.67 -15.49 -1.31
N HIS A 249 13.09 -15.61 -2.58
CA HIS A 249 14.51 -15.81 -2.95
C HIS A 249 15.00 -15.03 -4.19
N HIS A 250 16.20 -14.49 -4.03
CA HIS A 250 17.00 -13.92 -5.08
C HIS A 250 17.43 -15.02 -6.09
N HIS A 251 17.24 -14.76 -7.39
CA HIS A 251 17.79 -15.63 -8.40
C HIS A 251 19.16 -15.08 -8.66
N HIS A 252 20.16 -15.93 -8.57
CA HIS A 252 21.53 -15.53 -8.86
C HIS A 252 21.83 -15.25 -10.31
N HIS A 253 21.07 -15.89 -11.20
CA HIS A 253 21.14 -15.60 -12.63
C HIS A 253 19.83 -14.97 -13.06
N HIS A 254 19.92 -13.85 -13.77
CA HIS A 254 18.76 -13.27 -14.45
C HIS A 254 19.12 -13.28 -15.92
ZN ZN B . 3.73 8.32 -2.34
C ACT C . 1.47 8.13 -3.73
O ACT C . 1.56 7.78 -2.52
OXT ACT C . 2.56 8.64 -4.21
CH3 ACT C . 0.22 7.94 -4.54
C ACT D . 5.22 12.74 -16.36
O ACT D . 4.22 13.38 -16.81
OXT ACT D . 4.97 11.97 -15.37
CH3 ACT D . 6.58 12.89 -17.00
C ACT E . 5.18 -6.64 17.51
O ACT E . 4.98 -6.94 16.30
OXT ACT E . 4.44 -5.72 17.99
CH3 ACT E . 6.24 -7.33 18.32
CL CL F . 16.38 -8.46 -14.91
P PO4 G . 14.75 -12.08 -8.16
O1 PO4 G . 14.66 -10.61 -8.52
O2 PO4 G . 14.17 -12.35 -6.79
O3 PO4 G . 16.21 -12.48 -8.15
O4 PO4 G . 14.06 -12.95 -9.21
#